data_5ZZ9
#
_entry.id   5ZZ9
#
_cell.length_a   45.337
_cell.length_b   47.808
_cell.length_c   50.415
_cell.angle_alpha   70.440
_cell.angle_beta   83.560
_cell.angle_gamma   90.390
#
_symmetry.space_group_name_H-M   'P 1'
#
loop_
_entity.id
_entity.type
_entity.pdbx_description
1 polymer 'Homer protein homolog 2'
2 polymer 'Peptide from Drebrin'
3 water water
#
loop_
_entity_poly.entity_id
_entity_poly.type
_entity_poly.pdbx_seq_one_letter_code
_entity_poly.pdbx_strand_id
1 'polypeptide(L)'
;GGSGGSGGMGEQPIFTTRAHVFQIDPSTKKNWVPASKQAVTVSYFYDVTRNSYRIISVDGAKVIINSTITPNMTFTKTSQ
KFGQWADSRANTVFGLGFSSELQLTKFAEKFQEVREAARLARD
;
A,B,C
2 'polypeptide(L)' LLNFDELPEPPATFCDPEEVEGSGENLQ D,E,F
#
# COMPACT_ATOMS: atom_id res chain seq x y z
N GLY A 10 -2.99 -4.61 1.41
CA GLY A 10 -1.63 -5.01 1.16
C GLY A 10 -0.62 -3.87 1.23
N GLU A 11 -1.07 -2.72 1.72
CA GLU A 11 -0.22 -1.54 1.78
C GLU A 11 -0.51 -0.79 3.08
N GLN A 12 0.51 -0.64 3.93
CA GLN A 12 0.32 0.00 5.22
C GLN A 12 0.97 1.38 5.23
N PRO A 13 0.24 2.42 5.66
CA PRO A 13 0.83 3.76 5.75
C PRO A 13 1.77 3.84 6.94
N ILE A 14 2.93 4.45 6.69
CA ILE A 14 4.00 4.53 7.69
C ILE A 14 4.06 5.92 8.32
N PHE A 15 3.87 6.96 7.52
CA PHE A 15 4.05 8.34 7.94
C PHE A 15 3.38 9.22 6.91
N THR A 16 2.63 10.21 7.36
CA THR A 16 1.93 11.10 6.46
C THR A 16 2.16 12.55 6.86
N THR A 17 2.33 13.40 5.85
CA THR A 17 2.55 14.82 6.04
C THR A 17 1.94 15.55 4.86
N ARG A 18 2.03 16.86 4.87
CA ARG A 18 1.56 17.65 3.73
C ARG A 18 2.63 18.64 3.31
N ALA A 19 2.75 18.83 2.00
CA ALA A 19 3.80 19.67 1.44
C ALA A 19 3.38 20.14 0.05
N HIS A 20 4.01 21.21 -0.40
CA HIS A 20 3.96 21.57 -1.81
C HIS A 20 5.02 20.78 -2.56
N VAL A 21 4.63 20.19 -3.68
CA VAL A 21 5.49 19.30 -4.43
C VAL A 21 6.01 20.02 -5.67
N PHE A 22 7.30 19.87 -5.91
CA PHE A 22 7.97 20.45 -7.06
C PHE A 22 8.82 19.38 -7.74
N GLN A 23 9.08 19.59 -9.03
CA GLN A 23 10.03 18.78 -9.78
C GLN A 23 10.99 19.72 -10.48
N ILE A 24 12.27 19.33 -10.53
CA ILE A 24 13.26 20.18 -11.19
C ILE A 24 13.02 20.19 -12.69
N ASP A 25 13.19 21.35 -13.30
CA ASP A 25 13.05 21.46 -14.75
C ASP A 25 14.17 20.65 -15.40
N PRO A 26 13.83 19.67 -16.25
CA PRO A 26 14.89 18.80 -16.81
C PRO A 26 15.95 19.55 -17.60
N SER A 27 15.57 20.60 -18.34
CA SER A 27 16.51 21.28 -19.22
C SER A 27 17.54 22.08 -18.42
N THR A 28 17.06 23.06 -17.65
CA THR A 28 17.97 23.96 -16.95
C THR A 28 18.61 23.31 -15.72
N LYS A 29 17.92 22.37 -15.07
CA LYS A 29 18.37 21.75 -13.82
C LYS A 29 18.54 22.77 -12.71
N LYS A 30 17.98 23.96 -12.86
CA LYS A 30 18.14 25.03 -11.88
C LYS A 30 16.82 25.63 -11.41
N ASN A 31 15.68 25.20 -11.95
CA ASN A 31 14.40 25.80 -11.62
C ASN A 31 13.42 24.73 -11.13
N TRP A 32 12.58 25.11 -10.17
CA TRP A 32 11.57 24.23 -9.59
C TRP A 32 10.22 24.47 -10.26
N VAL A 33 9.64 23.42 -10.80
CA VAL A 33 8.33 23.46 -11.43
C VAL A 33 7.31 22.89 -10.44
N PRO A 34 6.26 23.64 -10.09
CA PRO A 34 5.29 23.11 -9.12
C PRO A 34 4.54 21.92 -9.70
N ALA A 35 4.56 20.81 -8.98
CA ALA A 35 3.87 19.59 -9.37
C ALA A 35 2.48 19.49 -8.76
N SER A 36 2.04 20.51 -8.03
CA SER A 36 0.74 20.56 -7.41
C SER A 36 0.33 22.01 -7.28
N LYS A 37 -0.98 22.27 -7.39
CA LYS A 37 -1.47 23.63 -7.26
C LYS A 37 -1.44 24.08 -5.80
N GLN A 38 -2.00 23.26 -4.92
CA GLN A 38 -1.99 23.47 -3.48
C GLN A 38 -1.09 22.43 -2.82
N ALA A 39 -1.03 22.47 -1.50
CA ALA A 39 -0.37 21.40 -0.76
C ALA A 39 -1.11 20.09 -0.97
N VAL A 40 -0.37 18.98 -0.95
CA VAL A 40 -0.92 17.66 -1.17
C VAL A 40 -0.41 16.74 -0.08
N THR A 41 -1.11 15.64 0.11
CA THR A 41 -0.69 14.63 1.08
C THR A 41 0.48 13.82 0.53
N VAL A 42 1.51 13.66 1.36
CA VAL A 42 2.68 12.86 1.03
C VAL A 42 2.86 11.83 2.13
N SER A 43 2.97 10.56 1.73
CA SER A 43 3.04 9.47 2.70
C SER A 43 4.16 8.51 2.34
N TYR A 44 4.76 7.93 3.38
CA TYR A 44 5.59 6.75 3.22
C TYR A 44 4.72 5.51 3.39
N PHE A 45 4.96 4.51 2.53
CA PHE A 45 4.24 3.25 2.59
C PHE A 45 5.23 2.10 2.61
N TYR A 46 4.88 1.04 3.32
CA TYR A 46 5.55 -0.24 3.17
C TYR A 46 4.66 -1.14 2.32
N ASP A 47 5.22 -1.65 1.22
CA ASP A 47 4.49 -2.50 0.30
C ASP A 47 4.76 -3.95 0.70
N VAL A 48 3.79 -4.57 1.40
CA VAL A 48 3.99 -5.93 1.88
C VAL A 48 4.09 -6.91 0.71
N THR A 49 3.44 -6.62 -0.41
CA THR A 49 3.53 -7.51 -1.57
C THR A 49 4.94 -7.50 -2.17
N ARG A 50 5.57 -6.33 -2.28
CA ARG A 50 6.87 -6.21 -2.94
C ARG A 50 8.04 -6.12 -1.96
N ASN A 51 7.78 -6.09 -0.66
CA ASN A 51 8.81 -5.89 0.37
C ASN A 51 9.66 -4.65 0.07
N SER A 52 8.98 -3.52 -0.12
CA SER A 52 9.68 -2.28 -0.45
C SER A 52 8.94 -1.11 0.16
N TYR A 53 9.66 -0.01 0.33
CA TYR A 53 9.11 1.22 0.87
C TYR A 53 8.94 2.23 -0.26
N ARG A 54 7.86 3.00 -0.20
CA ARG A 54 7.57 3.96 -1.26
C ARG A 54 7.08 5.27 -0.65
N ILE A 55 7.38 6.36 -1.35
CA ILE A 55 6.77 7.66 -1.09
C ILE A 55 5.69 7.87 -2.13
N ILE A 56 4.48 8.13 -1.68
CA ILE A 56 3.31 8.23 -2.54
C ILE A 56 2.61 9.55 -2.27
N SER A 57 2.39 10.34 -3.32
CA SER A 57 1.60 11.55 -3.25
C SER A 57 0.64 11.55 -4.43
N VAL A 58 -0.62 11.84 -4.15
CA VAL A 58 -1.70 11.74 -5.12
C VAL A 58 -2.57 12.97 -4.99
N ASP A 59 -2.94 13.56 -6.12
CA ASP A 59 -3.85 14.70 -6.18
C ASP A 59 -5.04 14.30 -7.04
N GLY A 60 -5.99 13.61 -6.44
CA GLY A 60 -7.13 13.10 -7.17
C GLY A 60 -6.74 11.89 -8.02
N ALA A 61 -6.99 11.96 -9.32
CA ALA A 61 -6.61 10.88 -10.22
C ALA A 61 -5.23 11.07 -10.82
N LYS A 62 -4.47 12.04 -10.32
CA LYS A 62 -3.11 12.30 -10.79
C LYS A 62 -2.12 11.86 -9.74
N VAL A 63 -1.28 10.89 -10.08
CA VAL A 63 -0.25 10.39 -9.19
C VAL A 63 0.98 11.28 -9.34
N ILE A 64 1.28 12.08 -8.32
CA ILE A 64 2.37 13.05 -8.42
C ILE A 64 3.70 12.41 -8.03
N ILE A 65 3.71 11.62 -6.97
CA ILE A 65 4.93 10.94 -6.53
C ILE A 65 4.60 9.46 -6.32
N ASN A 66 5.42 8.58 -6.90
CA ASN A 66 5.44 7.16 -6.57
C ASN A 66 6.91 6.75 -6.66
N SER A 67 7.64 7.03 -5.59
CA SER A 67 9.09 6.84 -5.55
C SER A 67 9.39 5.67 -4.62
N THR A 68 10.03 4.64 -5.17
CA THR A 68 10.49 3.53 -4.36
C THR A 68 11.84 3.91 -3.75
N ILE A 69 11.96 3.73 -2.44
CA ILE A 69 13.10 4.22 -1.69
C ILE A 69 14.12 3.11 -1.54
N THR A 70 15.32 3.34 -2.06
CA THR A 70 16.45 2.43 -1.94
C THR A 70 17.51 3.02 -1.01
N PRO A 71 18.44 2.20 -0.50
CA PRO A 71 19.43 2.75 0.44
C PRO A 71 20.28 3.87 -0.13
N ASN A 72 20.58 3.85 -1.44
CA ASN A 72 21.45 4.86 -2.04
C ASN A 72 20.79 6.23 -2.16
N MET A 73 19.46 6.31 -2.17
CA MET A 73 18.81 7.60 -2.40
C MET A 73 18.98 8.48 -1.18
N THR A 74 19.08 9.79 -1.42
CA THR A 74 19.32 10.76 -0.35
C THR A 74 18.33 11.90 -0.43
N PHE A 75 17.86 12.34 0.72
CA PHE A 75 17.04 13.54 0.86
C PHE A 75 17.96 14.66 1.32
N THR A 76 18.05 15.74 0.54
CA THR A 76 18.96 16.83 0.84
C THR A 76 18.12 18.05 1.18
N LYS A 77 18.29 18.54 2.40
CA LYS A 77 17.60 19.75 2.84
C LYS A 77 18.34 20.96 2.30
N THR A 78 17.62 21.83 1.60
CA THR A 78 18.20 23.03 1.01
C THR A 78 17.67 24.30 1.63
N SER A 79 16.81 24.18 2.65
CA SER A 79 16.35 25.31 3.44
C SER A 79 15.72 24.72 4.70
N GLN A 80 15.33 25.59 5.63
CA GLN A 80 14.69 25.08 6.83
C GLN A 80 13.32 24.47 6.56
N LYS A 81 12.75 24.68 5.38
CA LYS A 81 11.42 24.18 5.04
C LYS A 81 11.35 23.47 3.70
N PHE A 82 12.50 23.16 3.08
CA PHE A 82 12.49 22.55 1.76
C PHE A 82 13.62 21.55 1.65
N GLY A 83 13.33 20.42 1.01
CA GLY A 83 14.35 19.42 0.73
C GLY A 83 14.01 18.67 -0.55
N GLN A 84 15.00 17.92 -1.04
CA GLN A 84 14.87 17.30 -2.35
C GLN A 84 15.55 15.94 -2.36
N TRP A 85 15.04 15.06 -3.21
CA TRP A 85 15.68 13.77 -3.46
C TRP A 85 15.55 13.41 -4.93
N ALA A 86 16.58 12.79 -5.47
CA ALA A 86 16.57 12.34 -6.86
C ALA A 86 15.91 10.98 -6.97
N ASP A 87 15.15 10.79 -8.04
CA ASP A 87 14.50 9.51 -8.34
C ASP A 87 14.91 9.17 -9.77
N SER A 88 15.91 8.29 -9.91
CA SER A 88 16.41 7.95 -11.23
C SER A 88 15.40 7.13 -12.02
N ARG A 89 14.57 6.33 -11.35
CA ARG A 89 13.59 5.53 -12.07
C ARG A 89 12.61 6.41 -12.83
N ALA A 90 12.15 7.50 -12.20
CA ALA A 90 11.30 8.47 -12.86
C ALA A 90 12.11 9.55 -13.56
N ASN A 91 13.44 9.49 -13.45
CA ASN A 91 14.34 10.47 -14.04
C ASN A 91 13.91 11.90 -13.70
N THR A 92 13.83 12.17 -12.41
CA THR A 92 13.45 13.49 -11.95
C THR A 92 13.96 13.68 -10.53
N VAL A 93 13.86 14.91 -10.05
CA VAL A 93 14.19 15.26 -8.68
C VAL A 93 12.94 15.89 -8.06
N PHE A 94 12.51 15.35 -6.94
CA PHE A 94 11.34 15.85 -6.24
C PHE A 94 11.78 16.81 -5.14
N GLY A 95 11.07 17.92 -5.03
CA GLY A 95 11.26 18.85 -3.92
C GLY A 95 9.95 19.01 -3.17
N LEU A 96 10.06 19.13 -1.84
CA LEU A 96 8.90 19.30 -0.99
C LEU A 96 9.08 20.57 -0.16
N GLY A 97 8.06 21.43 -0.18
CA GLY A 97 8.08 22.62 0.63
C GLY A 97 7.06 22.55 1.74
N PHE A 98 7.52 22.74 2.98
CA PHE A 98 6.67 22.58 4.15
C PHE A 98 6.35 23.94 4.77
N SER A 99 5.26 23.98 5.54
CA SER A 99 4.84 25.19 6.22
C SER A 99 5.52 25.41 7.56
N SER A 100 6.13 24.37 8.13
CA SER A 100 6.90 24.51 9.36
C SER A 100 8.21 23.74 9.23
N GLU A 101 9.23 24.25 9.93
CA GLU A 101 10.54 23.63 9.89
C GLU A 101 10.49 22.21 10.47
N LEU A 102 9.64 22.00 11.48
CA LEU A 102 9.56 20.69 12.11
C LEU A 102 9.04 19.62 11.14
N GLN A 103 8.09 19.97 10.27
CA GLN A 103 7.62 19.00 9.29
C GLN A 103 8.74 18.57 8.37
N LEU A 104 9.59 19.50 7.95
CA LEU A 104 10.74 19.16 7.13
C LEU A 104 11.68 18.22 7.89
N THR A 105 12.00 18.56 9.13
CA THR A 105 12.87 17.73 9.95
C THR A 105 12.30 16.32 10.08
N LYS A 106 11.02 16.21 10.43
CA LYS A 106 10.40 14.91 10.60
C LYS A 106 10.40 14.12 9.29
N PHE A 107 10.15 14.79 8.17
CA PHE A 107 10.22 14.11 6.87
C PHE A 107 11.63 13.64 6.56
N ALA A 108 12.63 14.48 6.83
CA ALA A 108 14.01 14.07 6.55
C ALA A 108 14.42 12.91 7.43
N GLU A 109 14.07 12.98 8.71
CA GLU A 109 14.40 11.87 9.61
C GLU A 109 13.70 10.58 9.19
N LYS A 110 12.44 10.67 8.76
CA LYS A 110 11.73 9.48 8.28
C LYS A 110 12.40 8.92 7.04
N PHE A 111 12.87 9.81 6.17
CA PHE A 111 13.54 9.39 4.94
C PHE A 111 14.77 8.53 5.26
N GLN A 112 15.62 9.02 6.17
CA GLN A 112 16.82 8.28 6.52
C GLN A 112 16.47 6.95 7.19
N GLU A 113 15.46 6.96 8.05
CA GLU A 113 14.97 5.74 8.67
C GLU A 113 14.57 4.73 7.61
N VAL A 114 13.89 5.19 6.56
CA VAL A 114 13.37 4.30 5.53
C VAL A 114 14.51 3.75 4.69
N ARG A 115 15.57 4.54 4.49
CA ARG A 115 16.72 4.04 3.74
C ARG A 115 17.37 2.84 4.41
N GLU A 116 17.47 2.85 5.73
CA GLU A 116 18.06 1.69 6.41
C GLU A 116 17.09 0.52 6.45
N ALA A 117 15.80 0.80 6.64
CA ALA A 117 14.81 -0.25 6.55
C ALA A 117 14.84 -0.91 5.18
N ALA A 118 15.06 -0.12 4.14
CA ALA A 118 15.11 -0.68 2.78
C ALA A 118 16.31 -1.61 2.61
N ARG A 119 17.45 -1.26 3.22
CA ARG A 119 18.63 -2.10 3.10
C ARG A 119 18.52 -3.33 3.98
N LEU A 120 18.03 -3.16 5.21
CA LEU A 120 17.79 -4.31 6.09
C LEU A 120 16.73 -5.24 5.55
N ALA A 121 15.71 -4.70 4.86
CA ALA A 121 14.65 -5.55 4.33
C ALA A 121 15.12 -6.40 3.16
N ARG A 122 16.18 -5.99 2.46
CA ARG A 122 16.69 -6.76 1.33
C ARG A 122 17.87 -7.65 1.68
N ASP A 123 18.41 -7.56 2.90
CA ASP A 123 19.43 -8.50 3.38
C ASP A 123 19.01 -9.96 3.20
N GLY B 10 11.19 -9.13 -8.16
CA GLY B 10 12.34 -9.64 -7.44
C GLY B 10 11.97 -10.60 -6.31
N GLU B 11 10.94 -10.25 -5.55
CA GLU B 11 10.51 -11.04 -4.41
C GLU B 11 9.02 -11.36 -4.52
N GLN B 12 8.68 -12.64 -4.40
CA GLN B 12 7.30 -13.09 -4.52
C GLN B 12 6.75 -13.46 -3.16
N PRO B 13 5.65 -12.85 -2.73
CA PRO B 13 5.07 -13.21 -1.43
C PRO B 13 4.45 -14.60 -1.47
N ILE B 14 4.78 -15.41 -0.48
CA ILE B 14 4.37 -16.81 -0.44
C ILE B 14 3.23 -17.02 0.54
N PHE B 15 3.25 -16.32 1.67
CA PHE B 15 2.28 -16.50 2.72
C PHE B 15 2.37 -15.30 3.65
N THR B 16 1.24 -14.71 4.02
CA THR B 16 1.23 -13.52 4.84
C THR B 16 0.28 -13.73 6.00
N THR B 17 0.67 -13.26 7.18
CA THR B 17 -0.13 -13.40 8.39
C THR B 17 0.12 -12.22 9.30
N ARG B 18 -0.55 -12.23 10.45
CA ARG B 18 -0.42 -11.20 11.47
C ARG B 18 0.04 -11.83 12.77
N ALA B 19 0.97 -11.17 13.47
CA ALA B 19 1.45 -11.72 14.72
C ALA B 19 2.12 -10.64 15.56
N HIS B 20 2.14 -10.88 16.87
CA HIS B 20 3.02 -10.15 17.76
C HIS B 20 4.41 -10.79 17.70
N VAL B 21 5.43 -9.97 17.53
CA VAL B 21 6.78 -10.45 17.30
C VAL B 21 7.60 -10.31 18.57
N PHE B 22 8.41 -11.34 18.86
CA PHE B 22 9.30 -11.32 20.01
C PHE B 22 10.66 -11.83 19.56
N GLN B 23 11.69 -11.41 20.29
CA GLN B 23 13.03 -11.96 20.16
C GLN B 23 13.51 -12.35 21.55
N ILE B 24 14.29 -13.43 21.62
CA ILE B 24 14.83 -13.84 22.90
C ILE B 24 15.83 -12.80 23.38
N ASP B 25 15.79 -12.51 24.68
CA ASP B 25 16.74 -11.59 25.26
C ASP B 25 18.14 -12.17 25.13
N PRO B 26 19.10 -11.47 24.54
CA PRO B 26 20.44 -12.05 24.39
C PRO B 26 21.09 -12.45 25.71
N SER B 27 20.89 -11.66 26.76
CA SER B 27 21.57 -11.93 28.02
C SER B 27 20.99 -13.17 28.71
N THR B 28 19.71 -13.13 29.07
CA THR B 28 19.14 -14.25 29.81
C THR B 28 18.87 -15.46 28.93
N LYS B 29 18.58 -15.24 27.65
CA LYS B 29 18.19 -16.27 26.70
C LYS B 29 16.94 -17.03 27.13
N LYS B 30 16.20 -16.51 28.10
CA LYS B 30 15.04 -17.19 28.65
C LYS B 30 13.77 -16.35 28.64
N ASN B 31 13.85 -15.09 28.21
CA ASN B 31 12.70 -14.19 28.25
C ASN B 31 12.47 -13.62 26.87
N TRP B 32 11.21 -13.34 26.57
CA TRP B 32 10.80 -12.82 25.28
C TRP B 32 10.70 -11.29 25.34
N VAL B 33 11.43 -10.63 24.46
CA VAL B 33 11.41 -9.17 24.35
C VAL B 33 10.51 -8.80 23.17
N PRO B 34 9.42 -8.07 23.39
CA PRO B 34 8.53 -7.73 22.27
C PRO B 34 9.23 -6.79 21.30
N ALA B 35 9.21 -7.17 20.02
CA ALA B 35 9.80 -6.33 18.99
C ALA B 35 8.78 -5.40 18.34
N SER B 36 7.52 -5.46 18.78
CA SER B 36 6.46 -4.63 18.23
C SER B 36 5.42 -4.39 19.31
N LYS B 37 4.80 -3.21 19.27
CA LYS B 37 3.78 -2.86 20.24
C LYS B 37 2.48 -3.62 19.97
N GLN B 38 2.03 -3.60 18.72
CA GLN B 38 0.81 -4.29 18.30
C GLN B 38 1.18 -5.46 17.41
N ALA B 39 0.16 -6.17 16.94
CA ALA B 39 0.40 -7.20 15.94
C ALA B 39 0.91 -6.56 14.65
N VAL B 40 1.82 -7.26 13.96
CA VAL B 40 2.43 -6.76 12.74
C VAL B 40 2.35 -7.86 11.70
N THR B 41 2.53 -7.46 10.45
CA THR B 41 2.51 -8.40 9.34
C THR B 41 3.81 -9.19 9.27
N VAL B 42 3.68 -10.50 9.08
CA VAL B 42 4.81 -11.42 8.91
C VAL B 42 4.56 -12.19 7.61
N SER B 43 5.56 -12.22 6.74
CA SER B 43 5.40 -12.83 5.44
C SER B 43 6.58 -13.75 5.10
N TYR B 44 6.27 -14.81 4.35
CA TYR B 44 7.27 -15.61 3.66
C TYR B 44 7.48 -15.05 2.25
N PHE B 45 8.74 -14.99 1.84
CA PHE B 45 9.10 -14.54 0.50
C PHE B 45 10.05 -15.53 -0.14
N TYR B 46 9.94 -15.67 -1.45
CA TYR B 46 10.99 -16.31 -2.25
C TYR B 46 11.78 -15.20 -2.91
N ASP B 47 13.09 -15.17 -2.68
CA ASP B 47 13.95 -14.15 -3.26
C ASP B 47 14.46 -14.70 -4.58
N VAL B 48 13.85 -14.24 -5.68
CA VAL B 48 14.20 -14.75 -7.01
C VAL B 48 15.64 -14.40 -7.34
N THR B 49 16.15 -13.29 -6.80
CA THR B 49 17.52 -12.88 -7.10
C THR B 49 18.54 -13.83 -6.48
N ARG B 50 18.32 -14.25 -5.23
CA ARG B 50 19.28 -15.06 -4.50
C ARG B 50 18.92 -16.54 -4.41
N ASN B 51 17.76 -16.95 -4.94
CA ASN B 51 17.27 -18.32 -4.82
C ASN B 51 17.25 -18.75 -3.35
N SER B 52 16.55 -17.97 -2.53
CA SER B 52 16.48 -18.26 -1.10
C SER B 52 15.10 -17.84 -0.59
N TYR B 53 14.71 -18.46 0.52
CA TYR B 53 13.44 -18.17 1.17
C TYR B 53 13.69 -17.35 2.42
N ARG B 54 12.82 -16.39 2.69
CA ARG B 54 12.97 -15.50 3.82
C ARG B 54 11.63 -15.22 4.49
N ILE B 55 11.71 -15.01 5.81
CA ILE B 55 10.61 -14.46 6.61
C ILE B 55 10.93 -13.00 6.89
N ILE B 56 9.99 -12.12 6.57
CA ILE B 56 10.20 -10.68 6.69
C ILE B 56 9.06 -10.10 7.50
N SER B 57 9.40 -9.36 8.55
CA SER B 57 8.44 -8.62 9.35
C SER B 57 8.92 -7.21 9.57
N VAL B 58 8.01 -6.26 9.45
CA VAL B 58 8.29 -4.84 9.46
C VAL B 58 7.28 -4.15 10.35
N ASP B 59 7.75 -3.21 11.16
CA ASP B 59 6.90 -2.38 12.00
C ASP B 59 7.18 -0.93 11.62
N GLY B 60 6.49 -0.47 10.58
CA GLY B 60 6.76 0.87 10.09
C GLY B 60 8.09 0.89 9.37
N ALA B 61 8.97 1.80 9.77
CA ALA B 61 10.30 1.91 9.18
C ALA B 61 11.33 1.07 9.90
N LYS B 62 10.89 0.13 10.74
CA LYS B 62 11.77 -0.76 11.48
C LYS B 62 11.61 -2.19 10.98
N VAL B 63 12.70 -2.78 10.50
CA VAL B 63 12.70 -4.17 10.08
C VAL B 63 12.98 -5.01 11.31
N ILE B 64 11.95 -5.73 11.79
CA ILE B 64 12.12 -6.52 13.00
C ILE B 64 12.53 -7.97 12.73
N ILE B 65 12.07 -8.57 11.63
CA ILE B 65 12.51 -9.91 11.25
C ILE B 65 12.95 -9.90 9.79
N ASN B 66 14.16 -10.44 9.54
CA ASN B 66 14.67 -10.78 8.21
C ASN B 66 15.47 -12.07 8.37
N SER B 67 14.75 -13.19 8.36
CA SER B 67 15.34 -14.49 8.62
C SER B 67 15.33 -15.31 7.34
N THR B 68 16.50 -15.77 6.92
CA THR B 68 16.63 -16.68 5.78
C THR B 68 16.45 -18.12 6.26
N ILE B 69 15.57 -18.84 5.56
CA ILE B 69 15.16 -20.17 5.99
C ILE B 69 16.04 -21.21 5.30
N THR B 70 16.78 -21.97 6.08
CA THR B 70 17.65 -23.04 5.62
C THR B 70 17.09 -24.40 6.06
N PRO B 71 17.50 -25.48 5.40
CA PRO B 71 16.86 -26.78 5.70
C PRO B 71 16.96 -27.21 7.15
N ASN B 72 18.03 -26.84 7.87
CA ASN B 72 18.22 -27.28 9.24
C ASN B 72 17.28 -26.60 10.24
N MET B 73 16.78 -25.40 9.92
CA MET B 73 15.99 -24.64 10.89
C MET B 73 14.60 -25.26 11.08
N THR B 74 14.08 -25.13 12.31
CA THR B 74 12.78 -25.69 12.67
C THR B 74 11.96 -24.67 13.44
N PHE B 75 10.66 -24.66 13.18
CA PHE B 75 9.69 -23.84 13.91
C PHE B 75 8.99 -24.72 14.94
N THR B 76 9.07 -24.32 16.21
CA THR B 76 8.52 -25.10 17.31
C THR B 76 7.33 -24.38 17.92
N LYS B 77 6.18 -25.04 17.94
CA LYS B 77 5.03 -24.50 18.64
C LYS B 77 5.17 -24.76 20.13
N THR B 78 5.08 -23.71 20.94
CA THR B 78 5.24 -23.82 22.38
C THR B 78 3.96 -23.52 23.14
N SER B 79 2.87 -23.27 22.43
CA SER B 79 1.54 -23.12 23.01
C SER B 79 0.57 -23.21 21.83
N GLN B 80 -0.73 -23.17 22.14
CA GLN B 80 -1.71 -23.20 21.06
C GLN B 80 -1.69 -21.94 20.20
N LYS B 81 -1.03 -20.87 20.65
CA LYS B 81 -1.02 -19.60 19.91
C LYS B 81 0.36 -18.99 19.77
N PHE B 82 1.43 -19.73 20.10
CA PHE B 82 2.78 -19.19 20.11
C PHE B 82 3.77 -20.22 19.59
N GLY B 83 4.73 -19.76 18.79
CA GLY B 83 5.80 -20.61 18.30
C GLY B 83 7.07 -19.81 18.07
N GLN B 84 8.17 -20.55 17.88
CA GLN B 84 9.49 -19.94 17.80
C GLN B 84 10.37 -20.71 16.84
N TRP B 85 11.37 -20.02 16.28
CA TRP B 85 12.42 -20.66 15.51
C TRP B 85 13.74 -19.96 15.79
N ALA B 86 14.81 -20.75 15.87
CA ALA B 86 16.16 -20.22 16.07
C ALA B 86 16.79 -19.86 14.74
N ASP B 87 17.54 -18.76 14.72
CA ASP B 87 18.24 -18.31 13.52
C ASP B 87 19.69 -18.06 13.93
N SER B 88 20.57 -19.03 13.67
CA SER B 88 21.96 -18.90 14.09
C SER B 88 22.70 -17.85 13.26
N ARG B 89 22.33 -17.68 11.99
CA ARG B 89 22.96 -16.65 11.16
C ARG B 89 22.68 -15.26 11.71
N ALA B 90 21.45 -15.01 12.15
CA ALA B 90 21.12 -13.74 12.78
C ALA B 90 21.42 -13.73 14.27
N ASN B 91 21.90 -14.83 14.82
CA ASN B 91 22.25 -14.98 16.23
C ASN B 91 21.11 -14.51 17.14
N THR B 92 19.94 -15.09 16.96
CA THR B 92 18.79 -14.76 17.80
C THR B 92 17.75 -15.87 17.67
N VAL B 93 16.70 -15.77 18.48
CA VAL B 93 15.53 -16.66 18.39
C VAL B 93 14.30 -15.78 18.24
N PHE B 94 13.49 -16.06 17.21
CA PHE B 94 12.27 -15.33 16.95
C PHE B 94 11.07 -16.06 17.54
N GLY B 95 10.18 -15.30 18.17
CA GLY B 95 8.91 -15.84 18.65
C GLY B 95 7.73 -15.09 18.06
N LEU B 96 6.66 -15.82 17.76
CA LEU B 96 5.45 -15.23 17.22
C LEU B 96 4.24 -15.63 18.05
N GLY B 97 3.43 -14.64 18.42
CA GLY B 97 2.17 -14.88 19.11
C GLY B 97 0.99 -14.51 18.21
N PHE B 98 0.10 -15.46 18.01
CA PHE B 98 -1.02 -15.30 17.10
C PHE B 98 -2.31 -15.15 17.90
N SER B 99 -3.31 -14.52 17.27
CA SER B 99 -4.59 -14.31 17.92
C SER B 99 -5.52 -15.51 17.81
N SER B 100 -5.24 -16.45 16.91
CA SER B 100 -6.03 -17.67 16.79
C SER B 100 -5.10 -18.86 16.62
N GLU B 101 -5.58 -20.02 17.08
CA GLU B 101 -4.78 -21.24 16.99
C GLU B 101 -4.51 -21.62 15.55
N LEU B 102 -5.48 -21.37 14.67
CA LEU B 102 -5.31 -21.71 13.26
C LEU B 102 -4.15 -20.94 12.63
N GLN B 103 -3.98 -19.66 12.99
CA GLN B 103 -2.88 -18.89 12.43
C GLN B 103 -1.52 -19.47 12.78
N LEU B 104 -1.36 -19.94 14.03
CA LEU B 104 -0.12 -20.61 14.40
C LEU B 104 0.06 -21.89 13.61
N THR B 105 -0.99 -22.70 13.55
CA THR B 105 -0.93 -23.95 12.79
C THR B 105 -0.53 -23.69 11.35
N LYS B 106 -1.21 -22.77 10.68
CA LYS B 106 -0.92 -22.48 9.28
C LYS B 106 0.49 -21.91 9.10
N PHE B 107 0.92 -21.05 10.02
CA PHE B 107 2.29 -20.54 9.95
C PHE B 107 3.30 -21.66 10.12
N ALA B 108 3.08 -22.55 11.09
CA ALA B 108 4.02 -23.63 11.34
C ALA B 108 4.10 -24.59 10.16
N GLU B 109 2.95 -24.94 9.57
CA GLU B 109 2.96 -25.84 8.41
C GLU B 109 3.66 -25.17 7.23
N LYS B 110 3.47 -23.87 7.05
CA LYS B 110 4.18 -23.14 6.01
C LYS B 110 5.69 -23.19 6.24
N PHE B 111 6.12 -23.09 7.50
CA PHE B 111 7.54 -23.14 7.81
C PHE B 111 8.16 -24.45 7.37
N GLN B 112 7.54 -25.58 7.75
CA GLN B 112 8.08 -26.87 7.34
C GLN B 112 8.03 -27.01 5.81
N GLU B 113 6.96 -26.53 5.20
CA GLU B 113 6.89 -26.49 3.74
C GLU B 113 8.04 -25.70 3.15
N VAL B 114 8.35 -24.54 3.73
CA VAL B 114 9.35 -23.65 3.14
C VAL B 114 10.77 -24.19 3.33
N ARG B 115 11.06 -24.78 4.50
CA ARG B 115 12.37 -25.41 4.66
C ARG B 115 12.55 -26.55 3.68
N GLU B 116 11.47 -27.26 3.34
CA GLU B 116 11.59 -28.33 2.36
C GLU B 116 11.86 -27.75 0.97
N ALA B 117 11.22 -26.64 0.64
CA ALA B 117 11.54 -25.92 -0.58
C ALA B 117 13.00 -25.47 -0.57
N ALA B 118 13.48 -25.00 0.58
CA ALA B 118 14.87 -24.53 0.69
C ALA B 118 15.86 -25.66 0.43
N ARG B 119 15.53 -26.88 0.86
CA ARG B 119 16.44 -28.00 0.63
C ARG B 119 16.45 -28.40 -0.84
N LEU B 120 15.27 -28.45 -1.46
CA LEU B 120 15.17 -28.76 -2.88
C LEU B 120 15.85 -27.69 -3.74
N ALA B 121 15.78 -26.44 -3.30
CA ALA B 121 16.35 -25.32 -4.06
C ALA B 121 17.86 -25.25 -4.00
N ARG B 122 18.49 -25.84 -2.98
CA ARG B 122 19.94 -25.77 -2.84
C ARG B 122 20.67 -27.00 -3.38
N ASP B 123 19.95 -28.03 -3.80
CA ASP B 123 20.56 -29.25 -4.34
C ASP B 123 21.58 -28.95 -5.43
N GLU C 11 -9.71 10.52 2.98
CA GLU C 11 -10.34 10.20 1.70
C GLU C 11 -10.74 11.45 0.94
N GLN C 12 -10.20 11.61 -0.26
CA GLN C 12 -10.46 12.81 -1.04
C GLN C 12 -11.40 12.49 -2.20
N PRO C 13 -12.44 13.31 -2.39
CA PRO C 13 -13.33 13.10 -3.55
C PRO C 13 -12.70 13.53 -4.86
N ILE C 14 -12.89 12.71 -5.88
CA ILE C 14 -12.31 12.93 -7.20
C ILE C 14 -13.32 13.43 -8.21
N PHE C 15 -14.52 12.86 -8.22
CA PHE C 15 -15.50 13.13 -9.26
C PHE C 15 -16.85 12.64 -8.74
N THR C 16 -17.88 13.45 -8.92
CA THR C 16 -19.20 13.10 -8.41
C THR C 16 -20.24 13.26 -9.51
N THR C 17 -21.21 12.35 -9.53
CA THR C 17 -22.27 12.38 -10.52
C THR C 17 -23.56 11.90 -9.88
N ARG C 18 -24.63 11.93 -10.65
CA ARG C 18 -25.94 11.45 -10.23
C ARG C 18 -26.37 10.35 -11.19
N ALA C 19 -26.89 9.25 -10.66
CA ALA C 19 -27.30 8.15 -11.51
C ALA C 19 -28.28 7.27 -10.74
N HIS C 20 -29.10 6.54 -11.49
CA HIS C 20 -29.87 5.45 -10.93
C HIS C 20 -28.97 4.23 -10.88
N VAL C 21 -28.92 3.56 -9.74
CA VAL C 21 -28.00 2.45 -9.53
C VAL C 21 -28.78 1.14 -9.57
N PHE C 22 -28.21 0.16 -10.26
CA PHE C 22 -28.79 -1.17 -10.37
C PHE C 22 -27.70 -2.19 -10.08
N GLN C 23 -28.12 -3.37 -9.62
CA GLN C 23 -27.23 -4.51 -9.50
C GLN C 23 -27.90 -5.70 -10.16
N ILE C 24 -27.09 -6.54 -10.81
CA ILE C 24 -27.62 -7.71 -11.48
C ILE C 24 -28.13 -8.69 -10.44
N ASP C 25 -29.28 -9.31 -10.72
CA ASP C 25 -29.85 -10.28 -9.81
C ASP C 25 -28.93 -11.49 -9.69
N PRO C 26 -28.46 -11.83 -8.49
CA PRO C 26 -27.49 -12.94 -8.38
C PRO C 26 -28.00 -14.26 -8.93
N SER C 27 -29.29 -14.56 -8.73
CA SER C 27 -29.82 -15.84 -9.16
C SER C 27 -29.91 -15.92 -10.68
N THR C 28 -30.68 -15.03 -11.29
CA THR C 28 -30.93 -15.10 -12.73
C THR C 28 -29.71 -14.67 -13.53
N LYS C 29 -28.90 -13.76 -12.99
CA LYS C 29 -27.74 -13.19 -13.69
C LYS C 29 -28.12 -12.49 -14.99
N LYS C 30 -29.41 -12.18 -15.18
CA LYS C 30 -29.86 -11.57 -16.42
C LYS C 30 -30.72 -10.32 -16.24
N ASN C 31 -31.05 -9.93 -15.00
CA ASN C 31 -31.98 -8.84 -14.77
C ASN C 31 -31.34 -7.77 -13.90
N TRP C 32 -31.73 -6.52 -14.11
CA TRP C 32 -31.27 -5.41 -13.29
C TRP C 32 -32.28 -5.16 -12.19
N VAL C 33 -31.85 -5.26 -10.94
CA VAL C 33 -32.67 -4.95 -9.78
C VAL C 33 -32.29 -3.56 -9.30
N PRO C 34 -33.22 -2.61 -9.23
CA PRO C 34 -32.86 -1.26 -8.81
C PRO C 34 -32.36 -1.22 -7.37
N ALA C 35 -31.18 -0.64 -7.18
CA ALA C 35 -30.59 -0.51 -5.86
C ALA C 35 -30.91 0.83 -5.22
N SER C 36 -31.72 1.65 -5.90
CA SER C 36 -32.15 2.94 -5.39
C SER C 36 -33.51 3.25 -5.99
N LYS C 37 -34.34 3.94 -5.20
CA LYS C 37 -35.66 4.33 -5.69
C LYS C 37 -35.55 5.49 -6.67
N GLN C 38 -34.80 6.52 -6.30
CA GLN C 38 -34.55 7.67 -7.13
C GLN C 38 -33.08 7.68 -7.55
N ALA C 39 -32.69 8.70 -8.30
CA ALA C 39 -31.28 8.90 -8.59
C ALA C 39 -30.52 9.17 -7.30
N VAL C 40 -29.27 8.70 -7.25
CA VAL C 40 -28.42 8.86 -6.08
C VAL C 40 -27.07 9.38 -6.53
N THR C 41 -26.33 9.94 -5.59
CA THR C 41 -25.00 10.45 -5.86
C THR C 41 -24.00 9.30 -5.92
N VAL C 42 -23.16 9.31 -6.96
CA VAL C 42 -22.11 8.32 -7.16
C VAL C 42 -20.78 9.08 -7.29
N SER C 43 -19.79 8.67 -6.50
CA SER C 43 -18.53 9.41 -6.45
C SER C 43 -17.35 8.46 -6.57
N TYR C 44 -16.28 8.95 -7.20
CA TYR C 44 -14.97 8.34 -7.12
C TYR C 44 -14.21 8.94 -5.93
N PHE C 45 -13.49 8.08 -5.21
CA PHE C 45 -12.68 8.50 -4.09
C PHE C 45 -11.27 7.93 -4.24
N TYR C 46 -10.30 8.68 -3.73
CA TYR C 46 -8.97 8.16 -3.48
C TYR C 46 -8.81 7.93 -1.98
N ASP C 47 -8.49 6.70 -1.60
CA ASP C 47 -8.34 6.31 -0.20
C ASP C 47 -6.88 6.50 0.17
N VAL C 48 -6.57 7.60 0.86
CA VAL C 48 -5.19 7.93 1.17
C VAL C 48 -4.58 6.89 2.10
N THR C 49 -5.39 6.26 2.96
CA THR C 49 -4.88 5.26 3.89
C THR C 49 -4.42 4.00 3.17
N ARG C 50 -5.20 3.53 2.20
CA ARG C 50 -4.97 2.26 1.52
C ARG C 50 -4.28 2.41 0.17
N ASN C 51 -4.06 3.65 -0.28
CA ASN C 51 -3.50 3.94 -1.59
C ASN C 51 -4.26 3.20 -2.69
N SER C 52 -5.58 3.38 -2.68
CA SER C 52 -6.46 2.71 -3.63
C SER C 52 -7.62 3.64 -3.97
N TYR C 53 -8.24 3.39 -5.11
CA TYR C 53 -9.37 4.17 -5.60
C TYR C 53 -10.67 3.38 -5.44
N ARG C 54 -11.76 4.07 -5.12
CA ARG C 54 -13.04 3.42 -4.89
C ARG C 54 -14.17 4.25 -5.49
N ILE C 55 -15.22 3.55 -5.94
CA ILE C 55 -16.50 4.18 -6.29
C ILE C 55 -17.47 3.92 -5.15
N ILE C 56 -18.05 4.99 -4.61
CA ILE C 56 -18.91 4.89 -3.43
C ILE C 56 -20.23 5.58 -3.72
N SER C 57 -21.34 4.86 -3.52
CA SER C 57 -22.67 5.46 -3.57
C SER C 57 -23.48 4.97 -2.38
N VAL C 58 -24.18 5.92 -1.75
CA VAL C 58 -24.89 5.71 -0.49
C VAL C 58 -26.23 6.42 -0.60
N ASP C 59 -27.27 5.78 -0.10
CA ASP C 59 -28.60 6.40 -0.02
C ASP C 59 -29.03 6.38 1.44
N GLY C 60 -28.65 7.44 2.15
CA GLY C 60 -28.93 7.52 3.58
C GLY C 60 -28.02 6.61 4.36
N ALA C 61 -28.60 5.72 5.17
CA ALA C 61 -27.83 4.76 5.95
C ALA C 61 -27.61 3.46 5.20
N LYS C 62 -27.91 3.45 3.90
CA LYS C 62 -27.73 2.30 3.03
C LYS C 62 -26.58 2.57 2.07
N VAL C 63 -25.53 1.76 2.15
CA VAL C 63 -24.38 1.85 1.27
C VAL C 63 -24.72 1.05 0.03
N ILE C 64 -24.93 1.75 -1.08
CA ILE C 64 -25.33 1.11 -2.33
C ILE C 64 -24.14 0.56 -3.11
N ILE C 65 -23.06 1.32 -3.22
CA ILE C 65 -21.88 0.87 -3.94
C ILE C 65 -20.64 1.11 -3.09
N ASN C 66 -19.75 0.12 -3.01
CA ASN C 66 -18.44 0.28 -2.38
C ASN C 66 -17.53 -0.63 -3.20
N SER C 67 -17.09 -0.10 -4.34
CA SER C 67 -16.34 -0.86 -5.32
C SER C 67 -14.92 -0.31 -5.41
N THR C 68 -13.93 -1.15 -5.16
CA THR C 68 -12.54 -0.78 -5.33
C THR C 68 -12.14 -1.00 -6.79
N ILE C 69 -11.62 0.03 -7.43
CA ILE C 69 -11.32 -0.01 -8.85
C ILE C 69 -9.86 -0.38 -9.03
N THR C 70 -9.63 -1.51 -9.66
CA THR C 70 -8.31 -2.04 -9.97
C THR C 70 -8.07 -2.01 -11.47
N PRO C 71 -6.81 -2.10 -11.92
CA PRO C 71 -6.51 -1.96 -13.37
C PRO C 71 -7.25 -2.96 -14.25
N ASN C 72 -7.57 -4.16 -13.74
CA ASN C 72 -8.21 -5.17 -14.57
C ASN C 72 -9.64 -4.82 -14.89
N MET C 73 -10.29 -4.04 -14.04
CA MET C 73 -11.71 -3.81 -14.15
C MET C 73 -12.05 -2.91 -15.34
N THR C 74 -13.23 -3.14 -15.93
CA THR C 74 -13.66 -2.41 -17.11
C THR C 74 -15.08 -1.91 -16.94
N PHE C 75 -15.32 -0.70 -17.42
CA PHE C 75 -16.66 -0.14 -17.50
C PHE C 75 -17.17 -0.28 -18.93
N THR C 76 -18.30 -0.94 -19.08
CA THR C 76 -18.88 -1.21 -20.39
C THR C 76 -20.17 -0.42 -20.56
N LYS C 77 -20.21 0.43 -21.59
CA LYS C 77 -21.44 1.13 -21.93
C LYS C 77 -22.33 0.21 -22.74
N THR C 78 -23.56 0.04 -22.31
CA THR C 78 -24.51 -0.84 -22.99
C THR C 78 -25.64 -0.06 -23.64
N SER C 79 -25.61 1.26 -23.54
CA SER C 79 -26.53 2.14 -24.25
C SER C 79 -25.93 3.55 -24.18
N GLN C 80 -26.57 4.50 -24.85
CA GLN C 80 -26.08 5.87 -24.76
C GLN C 80 -26.28 6.46 -23.38
N LYS C 81 -27.10 5.82 -22.51
CA LYS C 81 -27.36 6.41 -21.21
C LYS C 81 -27.16 5.41 -20.07
N PHE C 82 -26.60 4.22 -20.35
CA PHE C 82 -26.46 3.18 -19.33
C PHE C 82 -25.10 2.48 -19.48
N GLY C 83 -24.46 2.16 -18.34
CA GLY C 83 -23.22 1.41 -18.37
C GLY C 83 -23.08 0.57 -17.12
N GLN C 84 -22.12 -0.36 -17.17
CA GLN C 84 -22.00 -1.38 -16.13
C GLN C 84 -20.54 -1.77 -15.95
N TRP C 85 -20.20 -2.23 -14.75
CA TRP C 85 -18.90 -2.83 -14.49
C TRP C 85 -19.06 -3.96 -13.48
N ALA C 86 -18.27 -5.02 -13.67
CA ALA C 86 -18.25 -6.16 -12.76
C ALA C 86 -17.24 -5.94 -11.63
N ASP C 87 -17.59 -6.43 -10.45
CA ASP C 87 -16.69 -6.39 -9.29
C ASP C 87 -16.64 -7.80 -8.70
N SER C 88 -15.58 -8.55 -9.04
CA SER C 88 -15.47 -9.92 -8.56
C SER C 88 -15.22 -9.97 -7.06
N ARG C 89 -14.51 -8.97 -6.52
CA ARG C 89 -14.29 -8.93 -5.07
C ARG C 89 -15.61 -8.79 -4.33
N ALA C 90 -16.51 -7.97 -4.84
CA ALA C 90 -17.85 -7.84 -4.29
C ALA C 90 -18.82 -8.86 -4.87
N ASN C 91 -18.37 -9.68 -5.82
CA ASN C 91 -19.19 -10.69 -6.47
C ASN C 91 -20.53 -10.13 -6.97
N THR C 92 -20.44 -9.10 -7.80
CA THR C 92 -21.65 -8.50 -8.35
C THR C 92 -21.30 -7.70 -9.59
N VAL C 93 -22.34 -7.20 -10.26
CA VAL C 93 -22.21 -6.28 -11.38
C VAL C 93 -23.05 -5.04 -11.07
N PHE C 94 -22.43 -3.87 -11.16
CA PHE C 94 -23.12 -2.61 -10.91
C PHE C 94 -23.54 -2.00 -12.24
N GLY C 95 -24.77 -1.49 -12.28
CA GLY C 95 -25.25 -0.75 -13.44
C GLY C 95 -25.65 0.67 -13.06
N LEU C 96 -25.34 1.61 -13.95
CA LEU C 96 -25.66 3.02 -13.73
C LEU C 96 -26.45 3.56 -14.91
N GLY C 97 -27.57 4.20 -14.62
CA GLY C 97 -28.35 4.87 -15.64
C GLY C 97 -28.29 6.38 -15.47
N PHE C 98 -27.87 7.08 -16.51
CA PHE C 98 -27.68 8.52 -16.48
C PHE C 98 -28.78 9.24 -17.23
N SER C 99 -28.97 10.52 -16.86
CA SER C 99 -30.00 11.34 -17.49
C SER C 99 -29.55 11.96 -18.81
N SER C 100 -28.25 11.96 -19.10
CA SER C 100 -27.75 12.41 -20.40
C SER C 100 -26.64 11.47 -20.86
N GLU C 101 -26.48 11.38 -22.19
CA GLU C 101 -25.41 10.58 -22.74
C GLU C 101 -24.04 11.13 -22.35
N LEU C 102 -23.91 12.45 -22.26
CA LEU C 102 -22.64 13.06 -21.89
C LEU C 102 -22.23 12.68 -20.46
N GLN C 103 -23.20 12.59 -19.54
CA GLN C 103 -22.88 12.18 -18.18
C GLN C 103 -22.30 10.78 -18.16
N LEU C 104 -22.86 9.86 -18.96
CA LEU C 104 -22.29 8.52 -19.05
C LEU C 104 -20.86 8.60 -19.55
N THR C 105 -20.64 9.37 -20.62
CA THR C 105 -19.29 9.53 -21.17
C THR C 105 -18.32 10.02 -20.11
N LYS C 106 -18.68 11.09 -19.39
CA LYS C 106 -17.79 11.64 -18.39
C LYS C 106 -17.51 10.63 -17.27
N PHE C 107 -18.54 9.88 -16.86
CA PHE C 107 -18.30 8.81 -15.89
C PHE C 107 -17.38 7.74 -16.47
N ALA C 108 -17.58 7.38 -17.74
CA ALA C 108 -16.77 6.35 -18.36
C ALA C 108 -15.32 6.79 -18.49
N GLU C 109 -15.11 8.05 -18.89
CA GLU C 109 -13.74 8.56 -19.05
C GLU C 109 -13.04 8.62 -17.70
N LYS C 110 -13.75 9.00 -16.64
CA LYS C 110 -13.17 8.99 -15.30
C LYS C 110 -12.80 7.57 -14.88
N PHE C 111 -13.61 6.58 -15.30
CA PHE C 111 -13.29 5.19 -14.98
C PHE C 111 -11.95 4.81 -15.58
N GLN C 112 -11.74 5.14 -16.87
CA GLN C 112 -10.46 4.88 -17.52
C GLN C 112 -9.32 5.61 -16.82
N GLU C 113 -9.55 6.87 -16.46
CA GLU C 113 -8.55 7.63 -15.72
C GLU C 113 -8.20 6.95 -14.40
N VAL C 114 -9.22 6.51 -13.68
CA VAL C 114 -9.00 5.99 -12.33
C VAL C 114 -8.33 4.63 -12.36
N ARG C 115 -8.71 3.77 -13.32
CA ARG C 115 -8.01 2.49 -13.42
C ARG C 115 -6.55 2.68 -13.79
N GLU C 116 -6.24 3.71 -14.58
CA GLU C 116 -4.85 3.99 -14.90
C GLU C 116 -4.11 4.58 -13.70
N ALA C 117 -4.76 5.50 -12.99
CA ALA C 117 -4.20 6.01 -11.74
C ALA C 117 -3.97 4.89 -10.73
N ALA C 118 -4.91 3.94 -10.65
CA ALA C 118 -4.76 2.83 -9.71
C ALA C 118 -3.52 2.02 -10.01
N ARG C 119 -3.19 1.88 -11.30
CA ARG C 119 -1.99 1.15 -11.68
C ARG C 119 -0.74 1.96 -11.38
N LEU C 120 -0.77 3.26 -11.72
CA LEU C 120 0.37 4.13 -11.42
C LEU C 120 0.59 4.29 -9.93
N ALA C 121 -0.49 4.29 -9.14
CA ALA C 121 -0.35 4.45 -7.70
C ALA C 121 0.24 3.23 -7.03
N ARG C 122 0.12 2.05 -7.64
CA ARG C 122 0.66 0.81 -7.07
C ARG C 122 2.00 0.41 -7.66
N ASP C 123 2.46 1.07 -8.72
CA ASP C 123 3.77 0.76 -9.31
C ASP C 123 4.89 0.81 -8.27
N ASP D 5 18.78 -23.78 21.08
CA ASP D 5 18.74 -24.92 22.00
C ASP D 5 17.51 -24.87 22.90
N GLU D 6 17.39 -23.78 23.67
CA GLU D 6 16.42 -23.72 24.76
C GLU D 6 15.06 -23.27 24.25
N LEU D 7 14.00 -23.82 24.87
CA LEU D 7 12.62 -23.47 24.60
C LEU D 7 12.04 -22.75 25.83
N PRO D 8 12.17 -21.44 25.91
CA PRO D 8 11.59 -20.70 27.03
C PRO D 8 10.07 -20.74 26.99
N GLU D 9 9.47 -20.43 28.14
CA GLU D 9 8.02 -20.35 28.22
C GLU D 9 7.52 -19.17 27.39
N PRO D 10 6.38 -19.32 26.73
CA PRO D 10 5.81 -18.21 25.95
C PRO D 10 5.52 -17.02 26.85
N PRO D 11 5.40 -15.83 26.28
CA PRO D 11 4.93 -14.69 27.08
C PRO D 11 3.53 -14.96 27.60
N ALA D 12 3.21 -14.32 28.73
CA ALA D 12 1.93 -14.59 29.39
C ALA D 12 0.75 -14.37 28.46
N THR D 13 0.83 -13.36 27.59
CA THR D 13 -0.29 -13.06 26.69
C THR D 13 -0.55 -14.17 25.68
N PHE D 14 0.35 -15.16 25.55
CA PHE D 14 0.17 -16.21 24.55
C PHE D 14 0.35 -17.61 25.13
N CYS D 15 0.29 -17.76 26.45
CA CYS D 15 0.37 -19.07 27.08
C CYS D 15 -1.00 -19.74 27.11
N ASP D 16 -0.99 -21.07 27.12
CA ASP D 16 -2.22 -21.83 27.23
C ASP D 16 -2.82 -21.66 28.63
N PRO D 17 -4.13 -21.83 28.77
CA PRO D 17 -4.72 -21.95 30.11
C PRO D 17 -4.29 -23.24 30.79
N GLU D 18 -4.58 -23.29 32.09
CA GLU D 18 -4.33 -24.51 32.86
C GLU D 18 -5.23 -25.65 32.35
N GLU D 19 -4.64 -26.82 32.16
CA GLU D 19 -5.36 -27.96 31.60
C GLU D 19 -5.55 -29.06 32.63
N LEU E 1 23.05 13.10 -16.83
CA LEU E 1 22.75 12.55 -15.51
C LEU E 1 21.84 13.49 -14.72
N LEU E 2 21.19 12.94 -13.70
CA LEU E 2 20.38 13.74 -12.77
C LEU E 2 21.23 14.46 -11.74
N ASN E 3 22.55 14.28 -11.76
CA ASN E 3 23.40 14.84 -10.74
C ASN E 3 23.47 16.37 -10.84
N PHE E 4 23.59 17.00 -9.67
CA PHE E 4 23.75 18.45 -9.58
C PHE E 4 25.22 18.76 -9.34
N ASP E 5 25.82 19.55 -10.23
CA ASP E 5 27.10 20.14 -9.89
C ASP E 5 26.95 21.12 -8.73
N GLU E 6 25.90 21.96 -8.78
CA GLU E 6 25.50 22.82 -7.68
C GLU E 6 24.08 22.47 -7.26
N LEU E 7 23.84 22.44 -5.95
CA LEU E 7 22.48 22.34 -5.47
C LEU E 7 21.66 23.50 -5.99
N PRO E 8 20.42 23.27 -6.42
CA PRO E 8 19.57 24.38 -6.85
C PRO E 8 18.99 25.13 -5.67
N GLU E 9 18.72 26.41 -5.90
CA GLU E 9 18.02 27.20 -4.90
C GLU E 9 16.60 26.64 -4.73
N PRO E 10 16.07 26.66 -3.51
CA PRO E 10 14.67 26.24 -3.32
C PRO E 10 13.74 27.22 -3.99
N PRO E 11 12.47 26.86 -4.19
CA PRO E 11 11.49 27.84 -4.68
C PRO E 11 11.45 29.04 -3.76
N ALA E 12 11.18 30.21 -4.36
CA ALA E 12 11.24 31.47 -3.62
C ALA E 12 10.38 31.45 -2.36
N THR E 13 9.27 30.70 -2.38
CA THR E 13 8.41 30.63 -1.21
C THR E 13 9.05 29.86 -0.06
N PHE E 14 9.99 28.96 -0.33
CA PHE E 14 10.54 28.10 0.70
C PHE E 14 12.03 28.34 0.94
N CYS E 15 12.53 29.49 0.53
CA CYS E 15 13.94 29.81 0.73
CA CYS E 15 13.94 29.81 0.73
C CYS E 15 14.19 30.31 2.14
N ASP E 16 15.40 30.09 2.63
CA ASP E 16 15.80 30.75 3.86
C ASP E 16 16.12 32.21 3.55
N PRO E 17 15.86 33.12 4.49
CA PRO E 17 16.20 34.53 4.27
C PRO E 17 17.72 34.69 4.18
N GLU E 18 18.13 35.75 3.49
CA GLU E 18 19.54 36.10 3.36
C GLU E 18 19.69 37.60 3.63
N GLU E 19 20.02 37.92 4.87
CA GLU E 19 20.27 39.25 5.44
C GLU E 19 19.87 39.25 6.92
N LEU F 7 -23.48 -7.45 -22.09
CA LEU F 7 -24.03 -8.54 -21.31
C LEU F 7 -25.59 -8.28 -21.21
N PRO F 8 -26.23 -8.01 -20.05
CA PRO F 8 -27.68 -7.79 -20.10
C PRO F 8 -28.06 -6.45 -20.71
N GLU F 9 -29.34 -6.35 -21.09
CA GLU F 9 -29.85 -5.14 -21.69
C GLU F 9 -30.22 -4.17 -20.58
N PRO F 10 -30.07 -2.87 -20.82
CA PRO F 10 -30.41 -1.89 -19.78
C PRO F 10 -31.91 -1.75 -19.61
N PRO F 11 -32.34 -1.16 -18.49
CA PRO F 11 -33.77 -0.91 -18.29
C PRO F 11 -34.31 0.06 -19.32
N ALA F 12 -35.63 -0.02 -19.51
CA ALA F 12 -36.28 0.68 -20.61
C ALA F 12 -36.03 2.18 -20.52
N THR F 13 -35.99 2.71 -19.29
CA THR F 13 -35.73 4.12 -19.08
C THR F 13 -34.33 4.54 -19.55
N PHE F 14 -33.46 3.59 -19.86
CA PHE F 14 -32.09 3.91 -20.25
C PHE F 14 -31.67 3.32 -21.59
N CYS F 15 -32.56 2.64 -22.30
CA CYS F 15 -32.23 2.13 -23.63
CA CYS F 15 -32.22 2.13 -23.62
C CYS F 15 -32.21 3.27 -24.65
N ASP F 16 -31.55 3.00 -25.77
CA ASP F 16 -31.39 4.01 -26.80
C ASP F 16 -32.70 4.22 -27.56
N PRO F 17 -32.98 5.47 -27.96
CA PRO F 17 -34.22 5.72 -28.73
C PRO F 17 -34.29 4.97 -30.04
N GLU F 18 -33.17 4.78 -30.72
CA GLU F 18 -33.14 4.03 -31.99
C GLU F 18 -32.16 2.88 -31.93
#